data_2F7B
#
_entry.id   2F7B
#
_cell.length_a   66.184
_cell.length_b   75.529
_cell.length_c   102.189
_cell.angle_alpha   90.00
_cell.angle_beta   90.00
_cell.angle_gamma   90.00
#
_symmetry.space_group_name_H-M   'I 2 2 2'
#
loop_
_entity.id
_entity.type
_entity.pdbx_description
1 polymer 'HTH-type transcriptional regulator catM'
2 non-polymer 'SULFATE ION'
3 non-polymer 'CHLORIDE ION'
4 water water
#
_entity_poly.entity_id   1
_entity_poly.type   'polypeptide(L)'
_entity_poly.pdbx_seq_one_letter_code
;MAKRIATVSQTLRIGYVSSLLYGLLPEIIYLFRQQNPEIHIELIECGTKDQINALKQGKIDLGFGRLKITDPAIRRIVLH
KEQLKLAIHKHHHPNQFAATGVHLSQIIDEPMLLYPVSQKPNFATFIQSLFTELGLVPSKLTEIREIQLALGLVAAGEGV
CIVPASAMDIGVKNLLYIPILDDDAYSPISLAVRNMDHSNYIPKILACVQEVFATHHIRPLIESILEHHHHHH
;
_entity_poly.pdbx_strand_id   A
#
# COMPACT_ATOMS: atom_id res chain seq x y z
N GLN A 10 -1.76 22.32 -19.41
CA GLN A 10 -1.24 20.93 -19.35
C GLN A 10 -2.03 20.09 -18.34
N THR A 11 -2.17 18.80 -18.62
CA THR A 11 -2.89 17.86 -17.75
C THR A 11 -1.96 16.77 -17.21
N LEU A 12 -1.91 16.63 -15.89
CA LEU A 12 -1.08 15.65 -15.21
C LEU A 12 -1.94 14.48 -14.73
N ARG A 13 -1.67 13.29 -15.27
CA ARG A 13 -2.44 12.08 -14.94
C ARG A 13 -1.68 11.22 -13.93
N ILE A 14 -2.28 11.04 -12.75
CA ILE A 14 -1.65 10.37 -11.62
C ILE A 14 -2.42 9.08 -11.29
N GLY A 15 -1.76 7.94 -11.45
CA GLY A 15 -2.33 6.66 -11.04
C GLY A 15 -2.08 6.40 -9.57
N TYR A 16 -3.04 5.74 -8.91
CA TYR A 16 -2.94 5.44 -7.48
C TYR A 16 -3.75 4.21 -7.12
N VAL A 17 -3.37 3.56 -6.02
CA VAL A 17 -4.18 2.51 -5.40
C VAL A 17 -4.85 3.09 -4.15
N SER A 18 -6.07 2.64 -3.87
CA SER A 18 -6.93 3.27 -2.86
C SER A 18 -6.40 3.18 -1.44
N SER A 19 -5.71 2.09 -1.09
CA SER A 19 -5.16 1.97 0.25
C SER A 19 -4.21 3.13 0.60
N LEU A 20 -3.63 3.78 -0.41
CA LEU A 20 -2.76 4.93 -0.20
C LEU A 20 -3.52 6.20 0.21
N LEU A 21 -4.85 6.21 0.07
CA LEU A 21 -5.66 7.36 0.45
C LEU A 21 -5.78 7.56 1.96
N TYR A 22 -5.35 6.58 2.74
CA TYR A 22 -5.42 6.69 4.21
C TYR A 22 -4.11 7.20 4.79
N GLY A 23 -3.12 7.43 3.94
CA GLY A 23 -1.81 7.88 4.36
C GLY A 23 -1.53 9.31 3.97
N LEU A 24 -0.27 9.58 3.62
CA LEU A 24 0.19 10.92 3.30
C LEU A 24 -0.06 11.33 1.84
N LEU A 25 -0.43 10.41 0.96
CA LEU A 25 -0.54 10.74 -0.47
C LEU A 25 -1.51 11.88 -0.77
N PRO A 26 -2.74 11.85 -0.23
CA PRO A 26 -3.65 12.97 -0.52
C PRO A 26 -3.10 14.35 -0.13
N GLU A 27 -2.41 14.43 1.01
CA GLU A 27 -1.71 15.65 1.43
C GLU A 27 -0.68 16.15 0.43
N ILE A 28 0.07 15.21 -0.12
CA ILE A 28 1.10 15.47 -1.12
C ILE A 28 0.48 16.06 -2.39
N ILE A 29 -0.61 15.44 -2.85
CA ILE A 29 -1.31 15.89 -4.05
C ILE A 29 -1.94 17.26 -3.80
N TYR A 30 -2.53 17.44 -2.62
CA TYR A 30 -3.10 18.73 -2.23
C TYR A 30 -2.07 19.87 -2.25
N LEU A 31 -0.90 19.62 -1.67
CA LEU A 31 0.20 20.61 -1.67
C LEU A 31 0.68 20.92 -3.09
N PHE A 32 0.86 19.88 -3.89
CA PHE A 32 1.27 20.04 -5.29
C PHE A 32 0.32 20.98 -6.00
N ARG A 33 -0.97 20.70 -5.85
CA ARG A 33 -2.04 21.49 -6.46
C ARG A 33 -2.01 22.97 -6.08
N GLN A 34 -1.80 23.26 -4.79
CA GLN A 34 -1.76 24.64 -4.31
C GLN A 34 -0.51 25.36 -4.83
N GLN A 35 0.60 24.62 -4.90
CA GLN A 35 1.86 25.15 -5.42
C GLN A 35 1.84 25.31 -6.94
N ASN A 36 1.02 24.52 -7.63
CA ASN A 36 0.94 24.51 -9.09
C ASN A 36 -0.50 24.59 -9.60
N PRO A 37 -1.21 25.68 -9.29
CA PRO A 37 -2.64 25.76 -9.62
C PRO A 37 -2.93 25.70 -11.12
N GLU A 38 -1.96 26.08 -11.94
CA GLU A 38 -2.09 26.02 -13.40
C GLU A 38 -2.31 24.60 -13.95
N ILE A 39 -1.69 23.61 -13.31
CA ILE A 39 -1.70 22.24 -13.81
C ILE A 39 -3.03 21.57 -13.50
N HIS A 40 -3.68 21.00 -14.52
CA HIS A 40 -4.89 20.22 -14.31
C HIS A 40 -4.53 18.78 -13.94
N ILE A 41 -5.06 18.31 -12.83
CA ILE A 41 -4.71 17.00 -12.29
C ILE A 41 -5.88 16.02 -12.46
N GLU A 42 -5.59 14.86 -13.05
CA GLU A 42 -6.55 13.77 -13.14
C GLU A 42 -6.03 12.60 -12.31
N LEU A 43 -6.73 12.28 -11.23
CA LEU A 43 -6.38 11.13 -10.41
C LEU A 43 -7.12 9.91 -10.95
N ILE A 44 -6.41 8.81 -11.15
CA ILE A 44 -6.96 7.62 -11.80
C ILE A 44 -6.62 6.37 -10.98
N GLU A 45 -7.64 5.62 -10.59
CA GLU A 45 -7.44 4.38 -9.84
C GLU A 45 -6.81 3.34 -10.76
N CYS A 46 -5.64 2.82 -10.39
CA CYS A 46 -4.87 1.93 -11.26
C CYS A 46 -4.02 1.00 -10.38
N GLY A 47 -4.15 -0.31 -10.59
CA GLY A 47 -3.37 -1.29 -9.82
C GLY A 47 -1.88 -1.13 -10.05
N THR A 48 -1.05 -1.66 -9.15
CA THR A 48 0.38 -1.37 -9.19
C THR A 48 1.06 -1.91 -10.47
N LYS A 49 0.76 -3.16 -10.83
CA LYS A 49 1.30 -3.76 -12.05
C LYS A 49 0.80 -3.01 -13.29
N ASP A 50 -0.50 -2.74 -13.33
CA ASP A 50 -1.13 -2.01 -14.43
C ASP A 50 -0.57 -0.59 -14.64
N GLN A 51 0.04 -0.01 -13.62
CA GLN A 51 0.65 1.30 -13.75
C GLN A 51 1.87 1.28 -14.68
N ILE A 52 2.56 0.14 -14.75
CA ILE A 52 3.71 0.00 -15.65
C ILE A 52 3.28 0.20 -17.10
N ASN A 53 2.32 -0.59 -17.54
CA ASN A 53 1.84 -0.46 -18.93
C ASN A 53 1.16 0.88 -19.18
N ALA A 54 0.45 1.40 -18.19
CA ALA A 54 -0.21 2.70 -18.31
C ALA A 54 0.82 3.81 -18.52
N LEU A 55 1.93 3.76 -17.77
CA LEU A 55 3.03 4.70 -17.98
C LEU A 55 3.63 4.57 -19.37
N LYS A 56 3.95 3.34 -19.78
CA LYS A 56 4.51 3.09 -21.10
C LYS A 56 3.64 3.63 -22.23
N GLN A 57 2.33 3.44 -22.10
CA GLN A 57 1.37 3.86 -23.13
C GLN A 57 0.91 5.32 -22.99
N GLY A 58 1.44 6.03 -22.00
CA GLY A 58 1.15 7.44 -21.80
C GLY A 58 -0.22 7.74 -21.25
N LYS A 59 -0.86 6.74 -20.64
CA LYS A 59 -2.19 6.88 -20.08
C LYS A 59 -2.13 7.50 -18.68
N ILE A 60 -0.99 7.31 -18.01
CA ILE A 60 -0.66 8.08 -16.81
C ILE A 60 0.77 8.61 -16.90
N ASP A 61 1.07 9.58 -16.06
CA ASP A 61 2.38 10.22 -16.02
C ASP A 61 3.13 9.89 -14.72
N LEU A 62 2.38 9.66 -13.64
CA LEU A 62 2.93 9.25 -12.36
C LEU A 62 2.11 8.06 -11.84
N GLY A 63 2.80 7.06 -11.29
CA GLY A 63 2.14 5.91 -10.68
C GLY A 63 2.58 5.71 -9.24
N PHE A 64 1.64 5.89 -8.31
CA PHE A 64 1.87 5.62 -6.90
C PHE A 64 1.36 4.22 -6.58
N GLY A 65 2.28 3.32 -6.22
CA GLY A 65 1.93 1.92 -5.95
C GLY A 65 2.41 1.45 -4.59
N ARG A 66 2.10 0.19 -4.28
CA ARG A 66 2.34 -0.35 -2.92
C ARG A 66 3.09 -1.68 -2.89
N LEU A 67 3.56 -2.16 -4.04
CA LEU A 67 4.39 -3.35 -4.06
C LEU A 67 5.49 -3.21 -5.12
N LYS A 68 6.56 -3.98 -4.95
CA LYS A 68 7.71 -3.91 -5.83
C LYS A 68 7.48 -4.64 -7.15
N ILE A 69 7.36 -3.87 -8.23
CA ILE A 69 7.42 -4.38 -9.59
C ILE A 69 8.36 -3.49 -10.39
N THR A 70 9.28 -4.11 -11.11
CA THR A 70 10.31 -3.39 -11.86
C THR A 70 10.14 -3.57 -13.37
N ASP A 71 10.61 -2.58 -14.12
CA ASP A 71 10.64 -2.62 -15.58
C ASP A 71 11.75 -1.70 -16.08
N PRO A 72 12.55 -2.14 -17.07
CA PRO A 72 13.67 -1.31 -17.56
C PRO A 72 13.29 0.08 -18.08
N ALA A 73 12.07 0.22 -18.60
CA ALA A 73 11.59 1.51 -19.12
C ALA A 73 11.05 2.43 -18.02
N ILE A 74 10.94 1.90 -16.80
CA ILE A 74 10.31 2.58 -15.67
C ILE A 74 11.30 2.82 -14.54
N ARG A 75 11.35 4.06 -14.05
CA ARG A 75 12.13 4.39 -12.87
C ARG A 75 11.24 4.27 -11.64
N ARG A 76 11.65 3.43 -10.70
CA ARG A 76 10.92 3.23 -9.45
C ARG A 76 11.60 4.02 -8.34
N ILE A 77 10.87 4.97 -7.76
CA ILE A 77 11.40 5.84 -6.72
C ILE A 77 10.74 5.44 -5.40
N VAL A 78 11.50 4.78 -4.53
CA VAL A 78 10.96 4.28 -3.27
C VAL A 78 10.90 5.40 -2.23
N LEU A 79 9.71 5.73 -1.77
CA LEU A 79 9.51 6.86 -0.86
C LEU A 79 9.57 6.46 0.61
N HIS A 80 8.95 5.32 0.93
CA HIS A 80 8.68 4.95 2.32
C HIS A 80 8.30 3.49 2.44
N LYS A 81 8.61 2.87 3.57
CA LYS A 81 8.22 1.49 3.83
C LYS A 81 7.26 1.47 5.01
N GLU A 82 6.05 0.98 4.76
CA GLU A 82 5.01 0.86 5.78
C GLU A 82 5.02 -0.52 6.39
N GLN A 83 5.16 -0.59 7.70
CA GLN A 83 5.11 -1.88 8.38
C GLN A 83 3.71 -2.49 8.29
N LEU A 84 3.67 -3.80 8.11
CA LEU A 84 2.42 -4.54 8.04
C LEU A 84 1.90 -4.89 9.43
N LYS A 85 0.58 -4.94 9.54
CA LYS A 85 -0.11 -5.24 10.79
C LYS A 85 -1.11 -6.35 10.53
N LEU A 86 -1.40 -7.15 11.55
CA LEU A 86 -2.51 -8.10 11.48
C LEU A 86 -3.76 -7.47 12.11
N ALA A 87 -4.77 -7.27 11.29
CA ALA A 87 -6.08 -6.81 11.77
C ALA A 87 -6.88 -8.00 12.28
N ILE A 88 -7.32 -7.90 13.53
CA ILE A 88 -8.15 -8.92 14.15
C ILE A 88 -9.33 -8.28 14.88
N HIS A 89 -10.40 -9.04 15.06
CA HIS A 89 -11.47 -8.61 15.96
C HIS A 89 -10.85 -8.52 17.35
N LYS A 90 -11.20 -7.49 18.10
CA LYS A 90 -10.54 -7.20 19.38
C LYS A 90 -10.61 -8.32 20.43
N HIS A 91 -11.57 -9.23 20.31
CA HIS A 91 -11.71 -10.34 21.25
C HIS A 91 -11.16 -11.67 20.71
N HIS A 92 -10.50 -11.62 19.56
CA HIS A 92 -9.99 -12.83 18.91
C HIS A 92 -8.60 -13.22 19.42
N HIS A 93 -8.51 -14.37 20.07
CA HIS A 93 -7.24 -14.89 20.59
C HIS A 93 -6.52 -13.89 21.52
N PRO A 94 -7.15 -13.54 22.64
CA PRO A 94 -6.57 -12.61 23.62
C PRO A 94 -5.21 -13.05 24.18
N ASN A 95 -4.95 -14.36 24.21
CA ASN A 95 -3.72 -14.88 24.80
C ASN A 95 -2.63 -15.17 23.79
N GLN A 96 -2.98 -15.76 22.64
CA GLN A 96 -1.94 -16.17 21.67
C GLN A 96 -1.53 -15.06 20.69
N PHE A 97 -2.36 -14.03 20.52
CA PHE A 97 -1.97 -12.88 19.71
C PHE A 97 -1.64 -11.69 20.61
N ALA A 98 -0.40 -11.61 21.06
CA ALA A 98 0.02 -10.49 21.90
C ALA A 98 -0.02 -9.19 21.12
N ALA A 99 -0.43 -8.12 21.79
CA ALA A 99 -0.49 -6.78 21.19
C ALA A 99 0.90 -6.30 20.77
N THR A 100 1.95 -6.84 21.38
CA THR A 100 3.33 -6.49 21.03
C THR A 100 3.77 -7.06 19.66
N GLY A 101 3.05 -8.06 19.17
CA GLY A 101 3.27 -8.53 17.81
C GLY A 101 3.21 -10.04 17.65
N VAL A 102 2.99 -10.46 16.41
CA VAL A 102 2.99 -11.88 16.04
C VAL A 102 3.94 -12.13 14.86
N HIS A 103 4.48 -13.34 14.82
CA HIS A 103 5.17 -13.81 13.62
C HIS A 103 4.15 -14.47 12.71
N LEU A 104 4.42 -14.47 11.42
CA LEU A 104 3.54 -15.10 10.43
C LEU A 104 3.31 -16.59 10.70
N SER A 105 4.31 -17.24 11.29
CA SER A 105 4.18 -18.64 11.70
C SER A 105 3.05 -18.89 12.68
N GLN A 106 2.69 -17.88 13.48
CA GLN A 106 1.62 -18.00 14.46
C GLN A 106 0.19 -17.95 13.89
N ILE A 107 0.04 -17.58 12.62
CA ILE A 107 -1.30 -17.31 12.09
C ILE A 107 -1.72 -18.19 10.91
N ILE A 108 -0.97 -19.24 10.61
CA ILE A 108 -1.28 -20.08 9.47
C ILE A 108 -2.61 -20.83 9.58
N ASP A 109 -3.07 -21.11 10.80
CA ASP A 109 -4.33 -21.84 11.03
C ASP A 109 -5.57 -20.96 10.93
N GLU A 110 -5.37 -19.65 10.92
CA GLU A 110 -6.47 -18.69 10.93
C GLU A 110 -7.02 -18.44 9.54
N PRO A 111 -8.37 -18.45 9.40
CA PRO A 111 -9.03 -17.90 8.22
C PRO A 111 -8.52 -16.49 7.91
N MET A 112 -8.00 -16.32 6.69
CA MET A 112 -7.30 -15.11 6.30
C MET A 112 -7.90 -14.48 5.05
N LEU A 113 -8.08 -13.17 5.09
CA LEU A 113 -8.66 -12.42 3.99
C LEU A 113 -7.56 -11.72 3.22
N LEU A 114 -7.52 -11.93 1.92
CA LEU A 114 -6.58 -11.25 1.03
C LEU A 114 -7.36 -10.27 0.20
N TYR A 115 -6.62 -9.37 -0.45
CA TYR A 115 -7.18 -8.33 -1.30
C TYR A 115 -6.06 -7.81 -2.20
N PRO A 116 -6.39 -7.24 -3.37
CA PRO A 116 -7.70 -7.10 -3.98
C PRO A 116 -8.01 -8.34 -4.82
N VAL A 117 -9.15 -8.31 -5.52
CA VAL A 117 -9.46 -9.29 -6.55
C VAL A 117 -9.13 -8.62 -7.87
N SER A 118 -8.07 -9.08 -8.51
CA SER A 118 -7.61 -8.50 -9.78
C SER A 118 -6.68 -9.49 -10.45
N GLN A 119 -6.27 -9.17 -11.68
CA GLN A 119 -5.30 -9.99 -12.38
C GLN A 119 -3.97 -9.90 -11.62
N LYS A 120 -3.34 -11.05 -11.44
CA LYS A 120 -2.11 -11.14 -10.65
C LYS A 120 -0.90 -10.86 -11.55
N PRO A 121 0.23 -10.42 -10.97
CA PRO A 121 0.53 -10.22 -9.56
C PRO A 121 -0.11 -8.97 -8.97
N ASN A 122 -0.41 -9.05 -7.68
CA ASN A 122 -1.01 -7.95 -6.96
C ASN A 122 -0.70 -8.07 -5.46
N PHE A 123 -1.36 -7.27 -4.62
CA PHE A 123 -1.05 -7.28 -3.17
C PHE A 123 -1.37 -8.63 -2.53
N ALA A 124 -2.37 -9.34 -3.07
CA ALA A 124 -2.74 -10.67 -2.60
C ALA A 124 -1.61 -11.68 -2.82
N THR A 125 -1.01 -11.66 -4.01
CA THR A 125 0.11 -12.56 -4.30
C THR A 125 1.36 -12.15 -3.51
N PHE A 126 1.51 -10.85 -3.28
CA PHE A 126 2.61 -10.35 -2.45
C PHE A 126 2.52 -10.92 -1.03
N ILE A 127 1.37 -10.76 -0.40
CA ILE A 127 1.16 -11.26 0.97
C ILE A 127 1.34 -12.79 1.04
N GLN A 128 0.84 -13.51 0.04
CA GLN A 128 1.08 -14.94 -0.04
C GLN A 128 2.57 -15.28 -0.10
N SER A 129 3.34 -14.48 -0.83
CA SER A 129 4.78 -14.73 -1.00
C SER A 129 5.57 -14.60 0.29
N LEU A 130 5.10 -13.76 1.21
CA LEU A 130 5.73 -13.62 2.52
C LEU A 130 5.68 -14.95 3.29
N PHE A 131 4.56 -15.64 3.21
CA PHE A 131 4.43 -16.99 3.79
C PHE A 131 5.32 -18.00 3.07
N THR A 132 5.21 -18.03 1.75
CA THR A 132 5.93 -18.98 0.91
C THR A 132 7.44 -18.91 1.10
N GLU A 133 8.00 -17.71 1.16
CA GLU A 133 9.45 -17.57 1.33
C GLU A 133 9.91 -18.00 2.74
N LEU A 134 8.98 -18.12 3.67
CA LEU A 134 9.26 -18.67 5.02
C LEU A 134 8.95 -20.16 5.15
N GLY A 135 8.48 -20.78 4.07
CA GLY A 135 8.09 -22.19 4.09
C GLY A 135 6.79 -22.43 4.83
N LEU A 136 5.94 -21.41 4.93
CA LEU A 136 4.67 -21.50 5.62
C LEU A 136 3.53 -21.61 4.62
N VAL A 137 2.45 -22.27 5.05
CA VAL A 137 1.26 -22.44 4.20
C VAL A 137 0.03 -21.97 4.97
N PRO A 138 -0.56 -20.83 4.57
CA PRO A 138 -1.83 -20.43 5.16
C PRO A 138 -2.93 -21.45 4.82
N SER A 139 -3.70 -21.87 5.82
CA SER A 139 -4.67 -22.95 5.63
C SER A 139 -5.94 -22.56 4.88
N LYS A 140 -6.40 -21.31 5.02
CA LYS A 140 -7.57 -20.85 4.29
CA LYS A 140 -7.58 -20.85 4.30
C LYS A 140 -7.44 -19.39 3.87
N LEU A 141 -7.46 -19.17 2.56
CA LEU A 141 -7.33 -17.85 1.98
C LEU A 141 -8.61 -17.53 1.22
N THR A 142 -9.13 -16.32 1.42
CA THR A 142 -10.25 -15.83 0.63
C THR A 142 -9.88 -14.48 0.05
N GLU A 143 -10.07 -14.33 -1.26
CA GLU A 143 -9.76 -13.06 -1.92
C GLU A 143 -10.99 -12.17 -1.89
N ILE A 144 -10.76 -10.95 -1.40
CA ILE A 144 -11.81 -9.95 -1.19
C ILE A 144 -11.50 -8.77 -2.12
N ARG A 145 -12.55 -8.10 -2.59
CA ARG A 145 -12.41 -7.10 -3.67
C ARG A 145 -11.44 -5.98 -3.34
N GLU A 146 -11.56 -5.42 -2.13
CA GLU A 146 -10.78 -4.25 -1.75
C GLU A 146 -10.56 -4.26 -0.24
N ILE A 147 -9.47 -3.62 0.18
CA ILE A 147 -9.03 -3.65 1.58
C ILE A 147 -10.12 -3.26 2.60
N GLN A 148 -10.90 -2.22 2.32
CA GLN A 148 -11.88 -1.77 3.30
C GLN A 148 -12.95 -2.84 3.54
N LEU A 149 -13.30 -3.59 2.49
CA LEU A 149 -14.26 -4.69 2.64
C LEU A 149 -13.69 -5.76 3.55
N ALA A 150 -12.45 -6.13 3.29
CA ALA A 150 -11.78 -7.16 4.07
C ALA A 150 -11.80 -6.80 5.55
N LEU A 151 -11.53 -5.54 5.88
CA LEU A 151 -11.51 -5.10 7.27
C LEU A 151 -12.92 -5.14 7.87
N GLY A 152 -13.91 -4.75 7.09
CA GLY A 152 -15.30 -4.88 7.49
C GLY A 152 -15.67 -6.32 7.80
N LEU A 153 -15.20 -7.25 6.96
CA LEU A 153 -15.47 -8.67 7.15
C LEU A 153 -14.75 -9.26 8.37
N VAL A 154 -13.57 -8.75 8.70
CA VAL A 154 -12.90 -9.15 9.94
C VAL A 154 -13.79 -8.81 11.14
N ALA A 155 -14.29 -7.58 11.18
CA ALA A 155 -15.18 -7.16 12.25
C ALA A 155 -16.45 -8.01 12.32
N ALA A 156 -16.93 -8.47 11.17
CA ALA A 156 -18.14 -9.28 11.12
C ALA A 156 -17.90 -10.75 11.50
N GLY A 157 -16.64 -11.13 11.70
CA GLY A 157 -16.28 -12.47 12.16
C GLY A 157 -15.68 -13.39 11.11
N GLU A 158 -15.17 -12.86 10.01
CA GLU A 158 -14.65 -13.69 8.91
C GLU A 158 -13.15 -14.03 9.00
N GLY A 159 -12.50 -13.64 10.09
CA GLY A 159 -11.12 -14.05 10.34
C GLY A 159 -10.15 -12.90 10.55
N VAL A 160 -9.00 -12.98 9.88
CA VAL A 160 -7.90 -12.03 10.05
C VAL A 160 -7.43 -11.45 8.70
N CYS A 161 -6.73 -10.32 8.76
CA CYS A 161 -6.32 -9.63 7.53
C CYS A 161 -5.05 -8.80 7.72
N ILE A 162 -4.05 -9.03 6.87
CA ILE A 162 -2.79 -8.30 6.94
C ILE A 162 -2.87 -7.02 6.12
N VAL A 163 -2.59 -5.88 6.76
CA VAL A 163 -2.72 -4.57 6.14
C VAL A 163 -1.52 -3.66 6.40
N PRO A 164 -1.30 -2.65 5.53
CA PRO A 164 -0.29 -1.66 5.84
C PRO A 164 -0.68 -0.81 7.05
N ALA A 165 0.31 -0.26 7.75
CA ALA A 165 0.09 0.49 8.98
C ALA A 165 -0.98 1.56 8.89
N SER A 166 -1.01 2.30 7.77
CA SER A 166 -1.97 3.41 7.62
C SER A 166 -3.42 2.93 7.60
N ALA A 167 -3.65 1.67 7.26
CA ALA A 167 -4.99 1.10 7.27
C ALA A 167 -5.57 0.90 8.67
N MET A 168 -4.75 1.11 9.71
CA MET A 168 -5.22 1.08 11.10
C MET A 168 -6.30 2.14 11.36
N ASP A 169 -6.28 3.21 10.57
CA ASP A 169 -7.20 4.33 10.76
C ASP A 169 -8.51 4.19 9.99
N ILE A 170 -8.68 3.12 9.21
CA ILE A 170 -9.94 2.89 8.50
C ILE A 170 -11.02 2.68 9.55
N GLY A 171 -12.17 3.31 9.36
CA GLY A 171 -13.16 3.44 10.42
C GLY A 171 -14.02 2.24 10.76
N VAL A 172 -13.52 1.03 10.55
CA VAL A 172 -14.24 -0.18 10.95
C VAL A 172 -14.04 -0.35 12.46
N LYS A 173 -15.15 -0.57 13.17
CA LYS A 173 -15.13 -0.62 14.63
C LYS A 173 -14.67 -1.97 15.16
N ASN A 174 -14.14 -1.94 16.38
CA ASN A 174 -13.84 -3.13 17.19
C ASN A 174 -12.69 -4.01 16.69
N LEU A 175 -11.73 -3.38 16.03
CA LEU A 175 -10.56 -4.10 15.56
C LEU A 175 -9.35 -3.74 16.40
N LEU A 176 -8.39 -4.66 16.42
CA LEU A 176 -7.04 -4.38 16.90
C LEU A 176 -6.08 -4.65 15.76
N TYR A 177 -5.00 -3.88 15.72
CA TYR A 177 -3.98 -4.02 14.69
C TYR A 177 -2.64 -4.36 15.33
N ILE A 178 -2.19 -5.59 15.11
CA ILE A 178 -1.05 -6.14 15.82
C ILE A 178 0.16 -6.18 14.88
N PRO A 179 1.32 -5.66 15.34
CA PRO A 179 2.56 -5.69 14.55
C PRO A 179 2.91 -7.08 14.03
N ILE A 180 3.35 -7.17 12.76
CA ILE A 180 3.90 -8.41 12.24
C ILE A 180 5.41 -8.32 12.38
N LEU A 181 5.99 -9.29 13.09
CA LEU A 181 7.39 -9.19 13.55
C LEU A 181 8.45 -9.60 12.53
N ASP A 182 8.05 -10.31 11.49
CA ASP A 182 8.99 -10.80 10.48
C ASP A 182 9.62 -9.64 9.70
N ASP A 183 10.93 -9.75 9.43
CA ASP A 183 11.71 -8.69 8.78
C ASP A 183 11.17 -8.18 7.44
N ASP A 184 10.62 -9.08 6.63
CA ASP A 184 10.22 -8.71 5.28
C ASP A 184 8.79 -8.19 5.19
N ALA A 185 8.13 -8.05 6.34
CA ALA A 185 6.71 -7.69 6.39
C ALA A 185 6.49 -6.18 6.34
N TYR A 186 6.70 -5.60 5.16
CA TYR A 186 6.43 -4.19 4.92
C TYR A 186 5.91 -3.96 3.52
N SER A 187 5.17 -2.89 3.32
CA SER A 187 4.71 -2.48 2.00
C SER A 187 5.47 -1.21 1.59
N PRO A 188 6.20 -1.26 0.47
CA PRO A 188 6.89 -0.06 0.00
C PRO A 188 5.95 0.87 -0.76
N ILE A 189 5.90 2.14 -0.36
CA ILE A 189 5.22 3.16 -1.16
C ILE A 189 6.22 3.67 -2.18
N SER A 190 5.89 3.54 -3.45
CA SER A 190 6.81 3.96 -4.52
C SER A 190 6.11 4.81 -5.57
N LEU A 191 6.90 5.68 -6.19
CA LEU A 191 6.45 6.51 -7.29
C LEU A 191 7.14 6.02 -8.56
N ALA A 192 6.35 5.64 -9.56
CA ALA A 192 6.87 5.15 -10.84
C ALA A 192 6.72 6.21 -11.92
N VAL A 193 7.76 6.38 -12.73
CA VAL A 193 7.73 7.31 -13.87
C VAL A 193 8.47 6.69 -15.04
N ARG A 194 8.20 7.19 -16.25
CA ARG A 194 8.95 6.78 -17.43
C ARG A 194 10.38 7.26 -17.28
N ASN A 195 11.34 6.42 -17.62
CA ASN A 195 12.75 6.76 -17.51
C ASN A 195 13.16 7.98 -18.33
N MET A 196 12.54 8.17 -19.49
CA MET A 196 12.93 9.26 -20.39
C MET A 196 11.97 10.44 -20.32
N ASP A 197 11.21 10.53 -19.23
CA ASP A 197 10.32 11.66 -18.97
C ASP A 197 11.11 12.71 -18.22
N HIS A 198 11.23 13.90 -18.81
CA HIS A 198 12.04 14.98 -18.23
C HIS A 198 11.18 16.16 -17.80
N SER A 199 9.89 15.91 -17.59
CA SER A 199 8.96 16.97 -17.21
C SER A 199 9.27 17.49 -15.82
N ASN A 200 9.04 18.78 -15.61
CA ASN A 200 9.29 19.42 -14.32
C ASN A 200 8.32 19.02 -13.20
N TYR A 201 7.20 18.37 -13.55
CA TYR A 201 6.27 17.88 -12.52
C TYR A 201 6.86 16.77 -11.66
N ILE A 202 7.88 16.09 -12.17
CA ILE A 202 8.54 15.01 -11.43
C ILE A 202 9.35 15.57 -10.24
N PRO A 203 10.33 16.44 -10.49
CA PRO A 203 10.99 17.07 -9.33
C PRO A 203 10.07 17.87 -8.41
N LYS A 204 9.01 18.45 -8.97
CA LYS A 204 8.03 19.21 -8.20
C LYS A 204 7.25 18.34 -7.23
N ILE A 205 6.77 17.19 -7.70
CA ILE A 205 6.02 16.26 -6.83
C ILE A 205 6.94 15.65 -5.77
N LEU A 206 8.18 15.35 -6.15
CA LEU A 206 9.17 14.84 -5.20
C LEU A 206 9.50 15.86 -4.11
N ALA A 207 9.52 17.15 -4.46
CA ALA A 207 9.70 18.21 -3.49
C ALA A 207 8.52 18.25 -2.51
N CYS A 208 7.32 18.01 -3.03
CA CYS A 208 6.12 17.96 -2.19
C CYS A 208 6.15 16.76 -1.25
N VAL A 209 6.61 15.61 -1.75
CA VAL A 209 6.81 14.43 -0.91
C VAL A 209 7.73 14.78 0.25
N GLN A 210 8.83 15.47 -0.03
CA GLN A 210 9.80 15.85 1.01
C GLN A 210 9.21 16.80 2.05
N GLU A 211 8.41 17.77 1.60
CA GLU A 211 7.80 18.75 2.51
CA GLU A 211 7.78 18.75 2.51
C GLU A 211 6.80 18.10 3.48
N VAL A 212 5.94 17.24 2.95
CA VAL A 212 4.91 16.56 3.76
C VAL A 212 5.55 15.58 4.74
N PHE A 213 6.48 14.76 4.26
CA PHE A 213 7.21 13.87 5.15
C PHE A 213 7.89 14.62 6.29
N ALA A 214 8.57 15.72 5.97
CA ALA A 214 9.22 16.54 7.00
C ALA A 214 8.23 17.10 8.01
N THR A 215 7.07 17.54 7.51
CA THR A 215 5.96 18.01 8.34
C THR A 215 5.62 16.96 9.41
N HIS A 216 5.66 15.69 9.02
CA HIS A 216 5.32 14.57 9.90
C HIS A 216 6.51 13.91 10.61
N HIS A 217 7.67 14.56 10.54
CA HIS A 217 8.88 14.05 11.20
C HIS A 217 9.27 12.66 10.67
N ILE A 218 9.05 12.42 9.39
CA ILE A 218 9.49 11.20 8.73
C ILE A 218 10.55 11.57 7.70
N ARG A 219 11.62 10.80 7.66
CA ARG A 219 12.62 10.96 6.61
C ARG A 219 12.25 9.99 5.50
N PRO A 220 11.99 10.51 4.29
CA PRO A 220 11.73 9.58 3.20
C PRO A 220 13.01 8.90 2.76
N LEU A 221 12.87 7.78 2.06
CA LEU A 221 14.02 6.97 1.64
C LEU A 221 14.80 7.60 0.48
N ILE A 222 14.30 8.72 -0.04
CA ILE A 222 15.00 9.53 -1.03
C ILE A 222 15.69 10.72 -0.34
N GLU A 223 16.92 11.02 -0.78
CA GLU A 223 17.78 12.04 -0.15
C GLU A 223 18.02 11.76 1.33
#